data_2G6Z
#
_entry.id   2G6Z
#
_cell.length_a   92.712
_cell.length_b   92.712
_cell.length_c   165.213
_cell.angle_alpha   90.00
_cell.angle_beta   90.00
_cell.angle_gamma   90.00
#
_symmetry.space_group_name_H-M   'P 43 2 2'
#
loop_
_entity.id
_entity.type
_entity.pdbx_description
1 polymer 'Dual specificity protein phosphatase 5'
2 non-polymer 'SULFATE ION'
3 water water
#
_entity_poly.entity_id   1
_entity_poly.type   'polypeptide(L)'
_entity_poly.pdbx_seq_one_letter_code
;GSHMGPVEILPFLYLGSAYHASKCEFLANLHITALLNVSRRTSEACMTHLHYKWIPVEDSHTADISSHFQEAIDFIDCVR
EKGGKVLVHSEAGISRSPTICMAYLMKTKQFRLKEAFDYIKQRRSMVSPNFGFMGQLLQYESEILPSTPNPQPPSCQGEA
AGSSLIGHLQTLSPDMQGAYCTFPASVLAPVPTHSTVSELSRSPVATATSC
;
_entity_poly.pdbx_strand_id   A,B,C
#
loop_
_chem_comp.id
_chem_comp.type
_chem_comp.name
_chem_comp.formula
SO4 non-polymer 'SULFATE ION' 'O4 S -2'
#
# COMPACT_ATOMS: atom_id res chain seq x y z
N GLY A 1 21.12 14.56 5.11
CA GLY A 1 22.07 15.43 4.36
C GLY A 1 21.43 16.57 3.58
N SER A 2 22.00 16.84 2.41
CA SER A 2 21.53 17.91 1.53
C SER A 2 20.76 17.35 0.32
N HIS A 3 21.22 16.21 -0.17
CA HIS A 3 20.60 15.54 -1.31
C HIS A 3 19.42 14.75 -0.75
N MET A 4 19.29 14.77 0.58
CA MET A 4 18.22 14.05 1.26
C MET A 4 16.89 14.78 1.23
N GLY A 5 15.83 14.04 1.57
CA GLY A 5 14.49 14.59 1.57
C GLY A 5 13.70 14.21 2.81
N PRO A 6 12.37 14.36 2.78
CA PRO A 6 11.47 14.04 3.89
C PRO A 6 11.81 12.71 4.51
N VAL A 7 11.67 12.61 5.83
CA VAL A 7 11.94 11.35 6.52
C VAL A 7 10.61 10.71 6.90
N GLU A 8 10.58 9.40 6.93
CA GLU A 8 9.34 8.72 7.28
C GLU A 8 9.17 8.67 8.80
N ILE A 9 7.99 8.98 9.29
CA ILE A 9 7.72 8.92 10.72
C ILE A 9 6.87 7.69 10.89
N LEU A 10 5.84 7.58 10.08
CA LEU A 10 4.95 6.43 10.07
C LEU A 10 4.73 6.16 8.58
N PRO A 11 4.21 4.98 8.21
CA PRO A 11 4.04 4.75 6.76
C PRO A 11 3.22 5.81 6.03
N PHE A 12 2.26 6.40 6.73
CA PHE A 12 1.44 7.42 6.09
C PHE A 12 1.86 8.82 6.49
N LEU A 13 2.91 8.93 7.32
CA LEU A 13 3.37 10.24 7.79
C LEU A 13 4.84 10.58 7.63
N TYR A 14 5.13 11.56 6.77
CA TYR A 14 6.49 12.02 6.55
C TYR A 14 6.71 13.43 7.12
N LEU A 15 7.94 13.70 7.58
CA LEU A 15 8.29 14.99 8.15
C LEU A 15 9.36 15.63 7.29
N GLY A 16 9.29 16.95 7.13
CA GLY A 16 10.30 17.64 6.32
C GLY A 16 10.24 19.15 6.31
N SER A 17 11.09 19.76 5.49
CA SER A 17 11.15 21.22 5.38
C SER A 17 10.44 21.74 4.14
N ALA A 18 10.40 23.07 4.01
CA ALA A 18 9.76 23.69 2.85
C ALA A 18 10.45 23.21 1.57
N TYR A 19 11.77 23.09 1.63
CA TYR A 19 12.55 22.64 0.50
C TYR A 19 12.09 21.24 0.06
N HIS A 20 11.91 20.34 1.01
CA HIS A 20 11.48 19.00 0.69
C HIS A 20 10.11 19.03 0.01
N ALA A 21 9.27 19.97 0.42
CA ALA A 21 7.94 20.07 -0.17
C ALA A 21 7.96 20.55 -1.60
N SER A 22 9.08 21.11 -2.02
CA SER A 22 9.24 21.64 -3.37
C SER A 22 9.87 20.67 -4.36
N LYS A 23 10.29 19.49 -3.88
CA LYS A 23 10.90 18.49 -4.75
C LYS A 23 9.85 17.51 -5.22
N CYS A 24 9.04 17.93 -6.19
CA CYS A 24 7.97 17.09 -6.69
C CYS A 24 8.34 15.65 -7.07
N GLU A 25 9.42 15.45 -7.80
CA GLU A 25 9.75 14.10 -8.17
C GLU A 25 9.97 13.24 -6.95
N PHE A 26 10.53 13.85 -5.90
CA PHE A 26 10.82 13.13 -4.68
C PHE A 26 9.52 12.76 -3.96
N LEU A 27 8.56 13.68 -3.93
CA LEU A 27 7.30 13.38 -3.29
C LEU A 27 6.58 12.29 -4.06
N ALA A 28 6.64 12.34 -5.39
CA ALA A 28 5.99 11.34 -6.24
C ALA A 28 6.57 9.98 -6.00
N ASN A 29 7.88 9.90 -5.83
CA ASN A 29 8.51 8.60 -5.60
C ASN A 29 8.06 7.96 -4.30
N LEU A 30 7.81 8.76 -3.27
CA LEU A 30 7.38 8.22 -2.00
C LEU A 30 5.87 7.98 -1.96
N HIS A 31 5.17 8.46 -3.00
CA HIS A 31 3.72 8.35 -3.12
C HIS A 31 3.02 9.31 -2.14
N ILE A 32 3.54 10.52 -2.04
CA ILE A 32 2.94 11.52 -1.17
C ILE A 32 1.64 12.05 -1.79
N THR A 33 0.54 11.88 -1.07
CA THR A 33 -0.75 12.33 -1.59
C THR A 33 -1.27 13.63 -0.99
N ALA A 34 -0.69 14.07 0.12
CA ALA A 34 -1.15 15.30 0.75
C ALA A 34 -0.06 16.07 1.45
N LEU A 35 -0.28 17.36 1.58
CA LEU A 35 0.67 18.23 2.23
C LEU A 35 -0.03 19.02 3.33
N LEU A 36 0.63 19.09 4.48
CA LEU A 36 0.12 19.85 5.60
C LEU A 36 1.21 20.87 5.87
N ASN A 37 0.96 22.10 5.44
CA ASN A 37 1.90 23.19 5.59
C ASN A 37 1.67 24.02 6.84
N VAL A 38 2.64 24.01 7.75
CA VAL A 38 2.52 24.78 8.98
C VAL A 38 3.34 26.06 9.02
N SER A 39 3.86 26.51 7.89
CA SER A 39 4.60 27.77 7.87
C SER A 39 3.62 28.91 7.66
N ARG A 40 4.14 30.10 7.38
CA ARG A 40 3.27 31.24 7.14
C ARG A 40 3.25 31.61 5.66
N ARG A 41 4.05 30.90 4.87
CA ARG A 41 4.13 31.14 3.44
C ARG A 41 3.72 29.92 2.66
N THR A 42 2.95 30.13 1.60
CA THR A 42 2.48 29.05 0.74
C THR A 42 3.43 28.98 -0.44
N SER A 43 3.56 27.80 -1.02
CA SER A 43 4.42 27.64 -2.18
C SER A 43 3.71 26.74 -3.17
N GLU A 44 3.26 27.35 -4.27
CA GLU A 44 2.54 26.65 -5.32
C GLU A 44 3.27 25.39 -5.79
N ALA A 45 4.46 25.19 -5.24
CA ALA A 45 5.31 24.05 -5.56
C ALA A 45 4.63 22.71 -5.26
N CYS A 46 4.62 21.83 -6.26
CA CYS A 46 4.02 20.51 -6.16
C CYS A 46 2.64 20.51 -5.50
N MET A 47 1.85 21.55 -5.69
CA MET A 47 0.53 21.58 -5.07
C MET A 47 -0.58 20.87 -5.85
N THR A 48 -0.36 20.61 -7.13
CA THR A 48 -1.41 20.00 -7.95
C THR A 48 -1.75 18.55 -7.63
N HIS A 49 -3.04 18.23 -7.74
CA HIS A 49 -3.53 16.88 -7.48
C HIS A 49 -3.17 16.38 -6.10
N LEU A 50 -3.16 17.27 -5.11
CA LEU A 50 -2.80 16.88 -3.76
C LEU A 50 -3.66 17.47 -2.67
N HIS A 51 -4.06 16.64 -1.72
CA HIS A 51 -4.83 17.12 -0.57
C HIS A 51 -3.87 18.09 0.17
N TYR A 52 -4.27 19.35 0.26
CA TYR A 52 -3.47 20.38 0.90
C TYR A 52 -4.25 21.05 2.00
N LYS A 53 -3.58 21.34 3.11
CA LYS A 53 -4.19 22.05 4.24
C LYS A 53 -3.11 22.97 4.76
N TRP A 54 -3.45 24.22 4.92
CA TRP A 54 -2.50 25.20 5.39
C TRP A 54 -2.91 25.79 6.73
N ILE A 55 -2.09 25.56 7.74
CA ILE A 55 -2.34 26.08 9.09
C ILE A 55 -1.13 26.94 9.44
N PRO A 56 -1.19 28.24 9.10
CA PRO A 56 -0.09 29.17 9.38
C PRO A 56 0.16 29.42 10.85
N VAL A 57 1.41 29.22 11.25
CA VAL A 57 1.83 29.42 12.62
C VAL A 57 3.28 29.95 12.57
N GLU A 58 3.58 31.04 13.28
CA GLU A 58 4.95 31.49 13.23
C GLU A 58 5.78 30.68 14.24
N ASP A 59 7.07 30.59 14.00
CA ASP A 59 7.91 29.83 14.90
C ASP A 59 8.37 30.71 16.07
N SER A 60 7.49 30.88 17.05
CA SER A 60 7.78 31.68 18.22
C SER A 60 7.09 31.13 19.45
N HIS A 61 7.70 31.36 20.61
CA HIS A 61 7.13 30.90 21.87
C HIS A 61 5.81 31.64 22.10
N THR A 62 5.66 32.79 21.48
CA THR A 62 4.42 33.56 21.65
C THR A 62 3.30 32.98 20.77
N ALA A 63 3.66 32.07 19.87
CA ALA A 63 2.67 31.50 18.98
C ALA A 63 1.95 30.33 19.61
N ASP A 64 0.64 30.30 19.42
CA ASP A 64 -0.19 29.24 19.96
C ASP A 64 -0.26 28.15 18.91
N ILE A 65 0.40 27.03 19.12
CA ILE A 65 0.36 25.99 18.12
C ILE A 65 -0.47 24.80 18.60
N SER A 66 -0.53 24.61 19.91
CA SER A 66 -1.28 23.50 20.49
C SER A 66 -2.79 23.49 20.20
N SER A 67 -3.42 24.65 20.06
CA SER A 67 -4.87 24.61 19.78
C SER A 67 -5.19 24.25 18.35
N HIS A 68 -4.17 23.98 17.55
CA HIS A 68 -4.37 23.58 16.18
C HIS A 68 -3.99 22.12 16.06
N PHE A 69 -3.62 21.52 17.19
CA PHE A 69 -3.24 20.12 17.17
C PHE A 69 -4.33 19.22 16.61
N GLN A 70 -5.55 19.31 17.14
CA GLN A 70 -6.61 18.43 16.65
C GLN A 70 -6.89 18.60 15.16
N GLU A 71 -6.94 19.83 14.67
CA GLU A 71 -7.17 20.02 13.24
C GLU A 71 -6.12 19.29 12.44
N ALA A 72 -4.86 19.44 12.84
CA ALA A 72 -3.74 18.81 12.17
C ALA A 72 -3.82 17.29 12.26
N ILE A 73 -4.15 16.80 13.42
CA ILE A 73 -4.25 15.39 13.62
C ILE A 73 -5.40 14.80 12.79
N ASP A 74 -6.56 15.44 12.80
CA ASP A 74 -7.69 14.90 12.01
C ASP A 74 -7.31 14.83 10.55
N PHE A 75 -6.56 15.84 10.10
CA PHE A 75 -6.14 15.88 8.74
C PHE A 75 -5.26 14.69 8.44
N ILE A 76 -4.29 14.45 9.32
CA ILE A 76 -3.39 13.33 9.11
C ILE A 76 -4.16 12.02 9.15
N ASP A 77 -5.13 11.90 10.06
CA ASP A 77 -5.90 10.67 10.12
C ASP A 77 -6.73 10.47 8.87
N CYS A 78 -7.11 11.57 8.22
CA CYS A 78 -7.92 11.48 7.03
C CYS A 78 -7.10 10.83 5.92
N VAL A 79 -5.87 11.29 5.77
CA VAL A 79 -4.97 10.75 4.77
C VAL A 79 -4.74 9.27 5.10
N ARG A 80 -4.52 8.99 6.38
CA ARG A 80 -4.31 7.63 6.85
C ARG A 80 -5.49 6.75 6.42
N GLU A 81 -6.71 7.18 6.72
CA GLU A 81 -7.90 6.42 6.34
C GLU A 81 -7.96 6.21 4.82
N LYS A 82 -7.70 7.26 4.05
CA LYS A 82 -7.74 7.14 2.61
C LYS A 82 -6.54 6.39 2.06
N GLY A 83 -5.75 5.82 2.96
CA GLY A 83 -4.54 5.07 2.57
C GLY A 83 -3.46 5.84 1.79
N GLY A 84 -3.30 7.13 2.07
CA GLY A 84 -2.32 7.93 1.38
C GLY A 84 -1.17 8.31 2.30
N LYS A 85 -0.44 9.37 1.95
CA LYS A 85 0.69 9.79 2.76
C LYS A 85 0.80 11.31 2.84
N VAL A 86 0.92 11.84 4.05
CA VAL A 86 1.06 13.28 4.20
C VAL A 86 2.47 13.67 4.59
N LEU A 87 2.94 14.75 3.99
CA LEU A 87 4.24 15.28 4.30
C LEU A 87 3.95 16.52 5.12
N VAL A 88 4.13 16.43 6.43
CA VAL A 88 3.91 17.60 7.26
C VAL A 88 5.20 18.43 7.20
N HIS A 89 5.09 19.72 6.90
CA HIS A 89 6.31 20.53 6.82
C HIS A 89 6.19 21.98 7.27
N SER A 90 7.34 22.57 7.55
CA SER A 90 7.46 23.94 7.95
C SER A 90 8.80 24.40 7.39
N GLU A 91 9.04 25.70 7.40
CA GLU A 91 10.25 26.28 6.83
C GLU A 91 11.55 25.50 6.95
N ALA A 92 12.06 25.37 8.17
CA ALA A 92 13.32 24.68 8.38
C ALA A 92 13.16 23.19 8.69
N GLY A 93 11.96 22.80 9.12
CA GLY A 93 11.72 21.41 9.47
C GLY A 93 12.36 21.07 10.79
N ILE A 94 12.40 22.05 11.68
CA ILE A 94 13.03 21.90 12.99
C ILE A 94 12.12 22.07 14.20
N SER A 95 11.23 23.05 14.11
CA SER A 95 10.34 23.37 15.20
C SER A 95 8.86 23.05 14.99
N ARG A 96 8.24 23.71 14.02
CA ARG A 96 6.82 23.52 13.79
C ARG A 96 6.36 22.14 13.32
N SER A 97 6.77 21.74 12.12
CA SER A 97 6.34 20.44 11.64
C SER A 97 6.72 19.31 12.61
N PRO A 98 7.88 19.42 13.29
CA PRO A 98 8.12 18.30 14.20
C PRO A 98 7.27 18.37 15.47
N THR A 99 6.88 19.57 15.88
CA THR A 99 6.03 19.69 17.06
C THR A 99 4.71 18.95 16.77
N ILE A 100 4.12 19.23 15.60
CA ILE A 100 2.87 18.58 15.19
C ILE A 100 3.03 17.05 15.19
N CYS A 101 4.11 16.56 14.60
CA CYS A 101 4.31 15.12 14.57
C CYS A 101 4.38 14.51 15.97
N MET A 102 4.98 15.23 16.90
CA MET A 102 5.04 14.73 18.25
C MET A 102 3.61 14.65 18.80
N ALA A 103 2.86 15.74 18.65
CA ALA A 103 1.48 15.74 19.14
C ALA A 103 0.71 14.58 18.55
N TYR A 104 0.96 14.30 17.27
CA TYR A 104 0.26 13.20 16.63
C TYR A 104 0.57 11.87 17.32
N LEU A 105 1.86 11.61 17.56
CA LEU A 105 2.25 10.36 18.21
C LEU A 105 1.61 10.22 19.57
N MET A 106 1.47 11.33 20.29
CA MET A 106 0.89 11.29 21.63
C MET A 106 -0.62 10.97 21.61
N LYS A 107 -1.36 11.67 20.76
CA LYS A 107 -2.81 11.51 20.65
C LYS A 107 -3.24 10.16 20.03
N THR A 108 -2.55 9.69 19.01
CA THR A 108 -3.02 8.46 18.40
C THR A 108 -2.29 7.18 18.82
N LYS A 109 -1.04 7.30 19.24
CA LYS A 109 -0.28 6.11 19.65
C LYS A 109 -0.04 6.07 21.17
N GLN A 110 -0.54 7.07 21.88
CA GLN A 110 -0.36 7.14 23.33
C GLN A 110 1.08 7.38 23.81
N PHE A 111 1.97 7.77 22.90
CA PHE A 111 3.36 8.04 23.29
C PHE A 111 3.37 9.18 24.28
N ARG A 112 4.38 9.19 25.15
CA ARG A 112 4.51 10.29 26.09
C ARG A 112 5.46 11.26 25.39
N LEU A 113 5.38 12.54 25.73
CA LEU A 113 6.25 13.54 25.11
C LEU A 113 7.69 13.04 24.92
N LYS A 114 8.28 12.49 25.97
CA LYS A 114 9.63 11.95 25.90
C LYS A 114 9.80 10.92 24.78
N GLU A 115 8.88 9.97 24.68
CA GLU A 115 8.97 8.94 23.66
C GLU A 115 8.67 9.52 22.27
N ALA A 116 7.72 10.43 22.21
CA ALA A 116 7.38 11.03 20.94
C ALA A 116 8.63 11.76 20.41
N PHE A 117 9.21 12.59 21.27
CA PHE A 117 10.40 13.37 20.92
C PHE A 117 11.57 12.51 20.48
N ASP A 118 11.90 11.47 21.23
CA ASP A 118 13.02 10.63 20.84
C ASP A 118 12.74 9.94 19.51
N TYR A 119 11.52 9.44 19.37
CA TYR A 119 11.12 8.78 18.15
C TYR A 119 11.38 9.66 16.93
N ILE A 120 10.98 10.93 17.01
CA ILE A 120 11.20 11.81 15.87
C ILE A 120 12.66 12.26 15.81
N LYS A 121 13.30 12.34 16.96
CA LYS A 121 14.69 12.75 17.03
C LYS A 121 15.55 11.72 16.26
N GLN A 122 15.32 10.43 16.51
CA GLN A 122 16.06 9.38 15.83
C GLN A 122 15.96 9.46 14.31
N ARG A 123 14.86 9.96 13.77
CA ARG A 123 14.74 10.01 12.31
C ARG A 123 15.15 11.35 11.70
N ARG A 124 15.21 12.38 12.52
CA ARG A 124 15.62 13.71 12.06
C ARG A 124 16.19 14.38 13.32
N SER A 125 17.49 14.19 13.54
CA SER A 125 18.18 14.70 14.73
C SER A 125 18.13 16.21 15.03
N MET A 126 18.12 17.05 14.01
CA MET A 126 18.08 18.49 14.23
C MET A 126 16.76 19.00 14.82
N VAL A 127 15.77 18.12 14.88
CA VAL A 127 14.46 18.47 15.42
C VAL A 127 14.60 19.12 16.80
N SER A 128 13.86 20.22 17.00
CA SER A 128 13.91 20.97 18.26
C SER A 128 12.87 22.10 18.33
N PRO A 129 11.72 21.81 18.94
CA PRO A 129 10.65 22.80 19.09
C PRO A 129 11.11 23.98 19.97
N ASN A 130 10.72 25.19 19.61
CA ASN A 130 11.11 26.34 20.41
C ASN A 130 10.59 26.09 21.83
N PHE A 131 11.23 26.70 22.84
CA PHE A 131 10.83 26.45 24.23
C PHE A 131 9.36 26.71 24.53
N GLY A 132 8.72 27.57 23.74
CA GLY A 132 7.32 27.82 23.99
C GLY A 132 6.50 26.60 23.56
N PHE A 133 6.83 26.08 22.38
CA PHE A 133 6.15 24.92 21.84
C PHE A 133 6.34 23.69 22.73
N MET A 134 7.55 23.50 23.26
CA MET A 134 7.80 22.34 24.12
C MET A 134 6.94 22.48 25.36
N GLY A 135 6.73 23.72 25.78
CA GLY A 135 5.90 23.98 26.92
C GLY A 135 4.46 23.59 26.64
N GLN A 136 3.97 23.97 25.46
CA GLN A 136 2.60 23.64 25.06
C GLN A 136 2.47 22.12 24.93
N LEU A 137 3.54 21.46 24.48
CA LEU A 137 3.55 20.01 24.31
C LEU A 137 3.39 19.37 25.67
N LEU A 138 3.99 19.99 26.67
CA LEU A 138 3.90 19.49 28.03
C LEU A 138 2.48 19.65 28.57
N GLN A 139 1.91 20.84 28.38
CA GLN A 139 0.54 21.05 28.82
C GLN A 139 -0.31 20.02 28.09
N TYR A 140 -0.01 19.82 26.81
CA TYR A 140 -0.76 18.87 26.01
C TYR A 140 -0.67 17.43 26.50
N GLU A 141 0.51 17.03 26.99
CA GLU A 141 0.69 15.66 27.46
C GLU A 141 -0.23 15.36 28.63
N SER A 142 -0.24 16.26 29.61
CA SER A 142 -1.07 16.12 30.79
C SER A 142 -2.55 16.08 30.44
N GLU A 143 -2.94 16.79 29.39
CA GLU A 143 -4.34 16.81 28.99
C GLU A 143 -4.85 15.56 28.28
N ILE A 144 -3.98 14.84 27.58
CA ILE A 144 -4.45 13.66 26.85
C ILE A 144 -3.91 12.36 27.38
N LEU A 145 -3.18 12.40 28.47
CA LEU A 145 -2.65 11.18 29.02
C LEU A 145 -2.90 11.04 30.51
N PRO A 146 -2.90 9.79 31.01
CA PRO A 146 -3.13 9.55 32.45
C PRO A 146 -1.91 10.16 33.14
N SER A 147 -1.80 9.99 34.45
CA SER A 147 -0.66 10.55 35.16
C SER A 147 0.37 9.51 35.60
N GLY B 5 16.22 -23.51 -4.88
CA GLY B 5 15.10 -22.84 -4.13
C GLY B 5 15.33 -21.40 -3.68
N PRO B 6 14.26 -20.63 -3.42
CA PRO B 6 14.31 -19.22 -2.99
C PRO B 6 15.04 -19.08 -1.67
N VAL B 7 15.71 -17.95 -1.48
CA VAL B 7 16.45 -17.71 -0.24
C VAL B 7 15.67 -16.75 0.66
N GLU B 8 15.84 -16.90 1.97
CA GLU B 8 15.15 -16.03 2.91
C GLU B 8 15.98 -14.78 3.23
N ILE B 9 15.46 -13.61 2.87
CA ILE B 9 16.15 -12.37 3.14
C ILE B 9 15.74 -11.97 4.55
N LEU B 10 14.42 -11.94 4.76
CA LEU B 10 13.84 -11.64 6.06
C LEU B 10 12.77 -12.69 6.30
N PRO B 11 12.25 -12.82 7.53
CA PRO B 11 11.22 -13.84 7.77
C PRO B 11 10.03 -13.78 6.80
N PHE B 12 9.64 -12.56 6.42
CA PHE B 12 8.51 -12.39 5.52
C PHE B 12 8.92 -12.05 4.10
N LEU B 13 10.22 -12.04 3.83
CA LEU B 13 10.75 -11.70 2.51
C LEU B 13 11.73 -12.71 1.91
N TYR B 14 11.32 -13.35 0.81
CA TYR B 14 12.19 -14.32 0.13
C TYR B 14 12.59 -13.81 -1.25
N LEU B 15 13.80 -14.14 -1.68
CA LEU B 15 14.32 -13.71 -2.99
C LEU B 15 14.60 -14.93 -3.86
N GLY B 16 14.25 -14.84 -5.14
CA GLY B 16 14.48 -15.96 -6.03
C GLY B 16 14.36 -15.64 -7.51
N SER B 17 14.25 -16.68 -8.34
CA SER B 17 14.13 -16.51 -9.79
C SER B 17 12.76 -16.88 -10.32
N ALA B 18 12.55 -16.65 -11.60
CA ALA B 18 11.29 -16.99 -12.25
C ALA B 18 11.01 -18.48 -11.99
N TYR B 19 12.05 -19.30 -12.16
CA TYR B 19 11.92 -20.73 -11.94
C TYR B 19 11.39 -21.03 -10.55
N HIS B 20 12.01 -20.44 -9.53
CA HIS B 20 11.58 -20.64 -8.15
C HIS B 20 10.10 -20.33 -7.98
N ALA B 21 9.63 -19.29 -8.66
CA ALA B 21 8.24 -18.88 -8.56
C ALA B 21 7.25 -19.90 -9.11
N SER B 22 7.72 -20.76 -10.01
CA SER B 22 6.85 -21.77 -10.62
C SER B 22 6.82 -23.11 -9.86
N LYS B 23 7.56 -23.19 -8.76
CA LYS B 23 7.62 -24.41 -7.96
C LYS B 23 6.63 -24.34 -6.79
N CYS B 24 5.33 -24.40 -7.11
CA CYS B 24 4.28 -24.31 -6.11
C CYS B 24 4.58 -25.05 -4.81
N GLU B 25 4.79 -26.37 -4.91
CA GLU B 25 5.10 -27.16 -3.72
C GLU B 25 6.10 -26.45 -2.81
N PHE B 26 7.18 -25.95 -3.41
CA PHE B 26 8.20 -25.25 -2.65
C PHE B 26 7.64 -23.99 -1.99
N LEU B 27 6.83 -23.25 -2.73
CA LEU B 27 6.23 -22.04 -2.18
C LEU B 27 5.33 -22.41 -1.00
N ALA B 28 4.41 -23.36 -1.22
CA ALA B 28 3.49 -23.81 -0.18
C ALA B 28 4.20 -24.21 1.10
N ASN B 29 5.29 -24.96 0.97
CA ASN B 29 6.03 -25.41 2.14
C ASN B 29 6.62 -24.26 2.95
N LEU B 30 7.02 -23.20 2.27
CA LEU B 30 7.60 -22.03 2.94
C LEU B 30 6.53 -21.11 3.50
N HIS B 31 5.28 -21.38 3.13
CA HIS B 31 4.13 -20.57 3.55
C HIS B 31 4.15 -19.23 2.80
N ILE B 32 4.41 -19.30 1.49
CA ILE B 32 4.46 -18.10 0.66
C ILE B 32 3.04 -17.63 0.36
N THR B 33 2.73 -16.40 0.74
CA THR B 33 1.38 -15.88 0.50
C THR B 33 1.28 -14.88 -0.63
N ALA B 34 2.40 -14.30 -1.06
CA ALA B 34 2.35 -13.32 -2.13
C ALA B 34 3.57 -13.40 -3.02
N LEU B 35 3.42 -12.84 -4.21
CA LEU B 35 4.51 -12.81 -5.18
C LEU B 35 4.57 -11.42 -5.76
N LEU B 36 5.79 -10.95 -5.98
CA LEU B 36 6.04 -9.65 -6.56
C LEU B 36 6.96 -9.95 -7.73
N ASN B 37 6.40 -9.88 -8.94
CA ASN B 37 7.15 -10.17 -10.14
C ASN B 37 7.70 -8.91 -10.80
N VAL B 38 9.03 -8.79 -10.83
CA VAL B 38 9.67 -7.62 -11.42
C VAL B 38 10.28 -7.87 -12.80
N SER B 39 9.77 -8.86 -13.52
CA SER B 39 10.26 -9.14 -14.87
C SER B 39 9.25 -8.60 -15.87
N ARG B 40 9.42 -8.94 -17.14
CA ARG B 40 8.50 -8.45 -18.15
C ARG B 40 7.54 -9.54 -18.60
N ARG B 41 7.73 -10.76 -18.13
CA ARG B 41 6.84 -11.85 -18.51
C ARG B 41 6.11 -12.37 -17.29
N THR B 42 4.89 -12.85 -17.49
CA THR B 42 4.09 -13.39 -16.40
C THR B 42 4.03 -14.89 -16.59
N SER B 43 4.07 -15.62 -15.47
CA SER B 43 3.98 -17.06 -15.54
C SER B 43 2.82 -17.50 -14.65
N GLU B 44 1.71 -17.81 -15.29
CA GLU B 44 0.47 -18.25 -14.64
C GLU B 44 0.77 -19.27 -13.53
N ALA B 45 2.03 -19.67 -13.47
CA ALA B 45 2.52 -20.63 -12.48
C ALA B 45 2.22 -20.19 -11.05
N CYS B 46 1.65 -21.12 -10.28
CA CYS B 46 1.29 -20.90 -8.89
C CYS B 46 0.78 -19.49 -8.60
N MET B 47 -0.13 -18.98 -9.43
CA MET B 47 -0.68 -17.64 -9.21
C MET B 47 -1.99 -17.62 -8.41
N THR B 48 -2.60 -18.79 -8.28
CA THR B 48 -3.86 -18.89 -7.56
C THR B 48 -3.74 -18.67 -6.05
N HIS B 49 -4.80 -18.15 -5.46
CA HIS B 49 -4.83 -17.87 -4.01
C HIS B 49 -3.62 -17.13 -3.46
N LEU B 50 -2.99 -16.29 -4.28
CA LEU B 50 -1.82 -15.55 -3.82
C LEU B 50 -1.86 -14.06 -4.17
N HIS B 51 -1.53 -13.20 -3.19
CA HIS B 51 -1.46 -11.78 -3.44
C HIS B 51 -0.33 -11.64 -4.47
N TYR B 52 -0.65 -11.07 -5.63
CA TYR B 52 0.31 -10.93 -6.72
C TYR B 52 0.32 -9.49 -7.20
N LYS B 53 1.52 -8.98 -7.48
CA LYS B 53 1.68 -7.61 -7.96
C LYS B 53 2.78 -7.76 -8.99
N TRP B 54 2.53 -7.23 -10.18
CA TRP B 54 3.47 -7.32 -11.28
C TRP B 54 3.96 -5.94 -11.69
N ILE B 55 5.25 -5.68 -11.49
CA ILE B 55 5.85 -4.40 -11.88
C ILE B 55 6.92 -4.71 -12.93
N PRO B 56 6.55 -4.68 -14.21
CA PRO B 56 7.48 -4.97 -15.30
C PRO B 56 8.60 -3.94 -15.48
N VAL B 57 9.83 -4.43 -15.45
CA VAL B 57 11.01 -3.60 -15.64
C VAL B 57 12.03 -4.48 -16.37
N GLU B 58 12.62 -3.95 -17.46
CA GLU B 58 13.61 -4.77 -18.16
C GLU B 58 14.97 -4.64 -17.45
N ASP B 59 15.79 -5.67 -17.60
CA ASP B 59 17.09 -5.67 -16.96
C ASP B 59 18.14 -4.93 -17.78
N SER B 60 18.00 -3.61 -17.86
CA SER B 60 18.91 -2.75 -18.59
C SER B 60 19.22 -1.52 -17.78
N HIS B 61 20.40 -0.94 -18.04
CA HIS B 61 20.82 0.28 -17.34
C HIS B 61 19.96 1.43 -17.81
N THR B 62 19.30 1.26 -18.96
CA THR B 62 18.45 2.32 -19.49
C THR B 62 17.09 2.27 -18.80
N ALA B 63 16.85 1.17 -18.07
CA ALA B 63 15.59 0.96 -17.36
C ALA B 63 15.52 1.75 -16.06
N ASP B 64 14.37 2.38 -15.82
CA ASP B 64 14.15 3.13 -14.58
C ASP B 64 13.52 2.16 -13.61
N ILE B 65 14.25 1.78 -12.56
CA ILE B 65 13.70 0.84 -11.59
C ILE B 65 13.56 1.52 -10.21
N SER B 66 14.40 2.51 -9.95
CA SER B 66 14.37 3.23 -8.68
C SER B 66 13.01 3.89 -8.40
N SER B 67 12.38 4.45 -9.42
CA SER B 67 11.08 5.12 -9.24
C SER B 67 9.91 4.16 -9.01
N HIS B 68 10.23 2.90 -8.77
CA HIS B 68 9.21 1.90 -8.52
C HIS B 68 9.50 1.29 -7.17
N PHE B 69 10.55 1.79 -6.53
CA PHE B 69 10.92 1.29 -5.22
C PHE B 69 9.82 1.39 -4.17
N GLN B 70 9.24 2.57 -4.02
CA GLN B 70 8.20 2.75 -3.01
C GLN B 70 7.03 1.80 -3.21
N GLU B 71 6.54 1.71 -4.45
CA GLU B 71 5.44 0.81 -4.73
C GLU B 71 5.78 -0.61 -4.28
N ALA B 72 7.01 -1.02 -4.56
CA ALA B 72 7.47 -2.37 -4.23
C ALA B 72 7.61 -2.54 -2.74
N ILE B 73 8.13 -1.52 -2.09
CA ILE B 73 8.34 -1.59 -0.66
C ILE B 73 6.99 -1.62 0.08
N ASP B 74 6.06 -0.75 -0.32
CA ASP B 74 4.75 -0.72 0.32
C ASP B 74 4.08 -2.07 0.20
N PHE B 75 4.30 -2.71 -0.94
CA PHE B 75 3.71 -4.01 -1.19
C PHE B 75 4.27 -5.00 -0.22
N ILE B 76 5.58 -5.02 -0.05
CA ILE B 76 6.20 -5.97 0.86
C ILE B 76 5.78 -5.67 2.30
N ASP B 77 5.62 -4.39 2.65
CA ASP B 77 5.18 -4.05 4.00
C ASP B 77 3.77 -4.58 4.23
N CYS B 78 2.97 -4.66 3.18
CA CYS B 78 1.60 -5.13 3.32
C CYS B 78 1.63 -6.59 3.74
N VAL B 79 2.36 -7.41 3.00
CA VAL B 79 2.47 -8.81 3.34
C VAL B 79 3.01 -8.92 4.78
N ARG B 80 3.94 -8.04 5.10
CA ARG B 80 4.53 -8.00 6.44
C ARG B 80 3.41 -7.83 7.46
N GLU B 81 2.64 -6.75 7.33
CA GLU B 81 1.54 -6.50 8.24
C GLU B 81 0.57 -7.69 8.32
N LYS B 82 0.21 -8.27 7.18
CA LYS B 82 -0.72 -9.39 7.18
C LYS B 82 -0.06 -10.69 7.65
N GLY B 83 1.17 -10.59 8.15
CA GLY B 83 1.88 -11.77 8.63
C GLY B 83 2.23 -12.83 7.59
N GLY B 84 2.28 -12.46 6.33
CA GLY B 84 2.60 -13.42 5.28
C GLY B 84 4.04 -13.45 4.85
N LYS B 85 4.27 -13.86 3.61
CA LYS B 85 5.63 -13.95 3.06
C LYS B 85 5.63 -13.67 1.55
N VAL B 86 6.44 -12.72 1.11
CA VAL B 86 6.51 -12.40 -0.32
C VAL B 86 7.76 -12.94 -0.95
N LEU B 87 7.61 -13.44 -2.16
CA LEU B 87 8.72 -13.95 -2.91
C LEU B 87 8.96 -12.95 -4.03
N VAL B 88 9.94 -12.09 -3.87
CA VAL B 88 10.25 -11.13 -4.91
C VAL B 88 11.12 -11.85 -5.93
N HIS B 89 10.74 -11.80 -7.19
CA HIS B 89 11.53 -12.50 -8.20
C HIS B 89 11.61 -11.82 -9.54
N SER B 90 12.59 -12.25 -10.31
CA SER B 90 12.82 -11.75 -11.65
C SER B 90 13.47 -12.91 -12.40
N GLU B 91 13.49 -12.82 -13.72
CA GLU B 91 14.03 -13.87 -14.57
C GLU B 91 15.16 -14.73 -14.00
N ALA B 92 16.36 -14.16 -13.92
CA ALA B 92 17.52 -14.90 -13.41
C ALA B 92 17.71 -14.84 -11.91
N GLY B 93 17.08 -13.84 -11.26
CA GLY B 93 17.23 -13.69 -9.82
C GLY B 93 18.61 -13.14 -9.50
N ILE B 94 19.12 -12.31 -10.41
CA ILE B 94 20.46 -11.74 -10.26
C ILE B 94 20.52 -10.22 -10.15
N SER B 95 19.74 -9.53 -10.99
CA SER B 95 19.75 -8.08 -11.03
C SER B 95 18.51 -7.36 -10.49
N ARG B 96 17.37 -7.57 -11.14
CA ARG B 96 16.13 -6.91 -10.76
C ARG B 96 15.56 -7.20 -9.38
N SER B 97 15.14 -8.43 -9.13
CA SER B 97 14.59 -8.76 -7.83
C SER B 97 15.57 -8.44 -6.67
N PRO B 98 16.88 -8.68 -6.86
CA PRO B 98 17.75 -8.35 -5.73
C PRO B 98 17.93 -6.84 -5.49
N THR B 99 17.78 -6.05 -6.55
CA THR B 99 17.91 -4.60 -6.40
C THR B 99 16.77 -4.11 -5.51
N ILE B 100 15.57 -4.65 -5.74
CA ILE B 100 14.42 -4.27 -4.94
C ILE B 100 14.69 -4.60 -3.48
N CYS B 101 15.21 -5.79 -3.23
CA CYS B 101 15.52 -6.19 -1.87
C CYS B 101 16.55 -5.28 -1.19
N MET B 102 17.51 -4.78 -1.96
CA MET B 102 18.47 -3.86 -1.36
C MET B 102 17.68 -2.61 -0.97
N ALA B 103 16.94 -2.08 -1.93
CA ALA B 103 16.16 -0.88 -1.68
C ALA B 103 15.31 -1.06 -0.42
N TYR B 104 14.69 -2.23 -0.28
CA TYR B 104 13.85 -2.50 0.87
C TYR B 104 14.64 -2.42 2.19
N LEU B 105 15.81 -3.06 2.24
CA LEU B 105 16.62 -3.03 3.46
C LEU B 105 17.05 -1.61 3.80
N MET B 106 17.35 -0.82 2.77
CA MET B 106 17.76 0.55 2.99
C MET B 106 16.62 1.41 3.56
N LYS B 107 15.44 1.33 2.94
CA LYS B 107 14.29 2.13 3.36
C LYS B 107 13.67 1.74 4.68
N THR B 108 13.51 0.45 4.94
CA THR B 108 12.88 0.07 6.19
C THR B 108 13.83 -0.23 7.36
N LYS B 109 14.98 -0.85 7.07
CA LYS B 109 15.95 -1.18 8.13
C LYS B 109 17.12 -0.19 8.21
N GLN B 110 17.06 0.88 7.42
CA GLN B 110 18.11 1.89 7.38
C GLN B 110 19.51 1.47 6.88
N PHE B 111 19.63 0.26 6.32
CA PHE B 111 20.91 -0.22 5.79
C PHE B 111 21.51 0.76 4.79
N ARG B 112 22.83 0.74 4.67
CA ARG B 112 23.50 1.57 3.69
C ARG B 112 23.66 0.64 2.50
N LEU B 113 23.69 1.20 1.30
CA LEU B 113 23.81 0.38 0.10
C LEU B 113 24.79 -0.77 0.25
N LYS B 114 25.98 -0.45 0.77
CA LYS B 114 27.04 -1.43 0.99
C LYS B 114 26.57 -2.59 1.86
N GLU B 115 26.05 -2.26 3.04
CA GLU B 115 25.58 -3.28 3.96
C GLU B 115 24.43 -4.07 3.37
N ALA B 116 23.54 -3.35 2.70
CA ALA B 116 22.38 -3.98 2.09
C ALA B 116 22.85 -5.05 1.10
N PHE B 117 23.69 -4.63 0.16
CA PHE B 117 24.23 -5.53 -0.86
C PHE B 117 24.91 -6.74 -0.23
N ASP B 118 25.76 -6.50 0.76
CA ASP B 118 26.47 -7.61 1.37
C ASP B 118 25.51 -8.52 2.08
N TYR B 119 24.45 -7.94 2.62
CA TYR B 119 23.46 -8.73 3.32
C TYR B 119 22.84 -9.75 2.37
N ILE B 120 22.36 -9.26 1.23
CA ILE B 120 21.73 -10.13 0.26
C ILE B 120 22.80 -11.02 -0.39
N LYS B 121 24.00 -10.49 -0.52
CA LYS B 121 25.11 -11.24 -1.09
C LYS B 121 25.29 -12.58 -0.34
N GLN B 122 25.37 -12.50 0.98
CA GLN B 122 25.54 -13.68 1.82
C GLN B 122 24.46 -14.75 1.61
N ARG B 123 23.25 -14.33 1.26
CA ARG B 123 22.15 -15.28 1.06
C ARG B 123 22.10 -15.85 -0.35
N ARG B 124 22.54 -15.05 -1.32
CA ARG B 124 22.54 -15.46 -2.73
C ARG B 124 23.75 -14.76 -3.39
N SER B 125 24.91 -15.40 -3.32
CA SER B 125 26.15 -14.82 -3.84
C SER B 125 26.14 -14.29 -5.28
N MET B 126 25.48 -15.00 -6.19
CA MET B 126 25.44 -14.56 -7.58
C MET B 126 24.81 -13.19 -7.80
N VAL B 127 24.08 -12.70 -6.81
CA VAL B 127 23.41 -11.41 -6.91
C VAL B 127 24.31 -10.30 -7.47
N SER B 128 23.75 -9.52 -8.40
CA SER B 128 24.50 -8.42 -9.02
C SER B 128 23.66 -7.53 -9.94
N PRO B 129 23.23 -6.37 -9.45
CA PRO B 129 22.42 -5.42 -10.20
C PRO B 129 23.22 -4.89 -11.39
N ASN B 130 22.58 -4.68 -12.54
CA ASN B 130 23.32 -4.14 -13.66
C ASN B 130 23.86 -2.79 -13.22
N PHE B 131 24.99 -2.35 -13.77
CA PHE B 131 25.59 -1.08 -13.36
C PHE B 131 24.65 0.13 -13.35
N GLY B 132 23.59 0.08 -14.15
CA GLY B 132 22.68 1.20 -14.15
C GLY B 132 21.92 1.22 -12.84
N PHE B 133 21.47 0.03 -12.45
CA PHE B 133 20.71 -0.16 -11.23
C PHE B 133 21.55 0.19 -9.99
N MET B 134 22.82 -0.19 -9.99
CA MET B 134 23.68 0.12 -8.87
C MET B 134 23.77 1.63 -8.78
N GLY B 135 23.74 2.27 -9.94
CA GLY B 135 23.79 3.72 -9.99
C GLY B 135 22.56 4.33 -9.34
N GLN B 136 21.37 3.83 -9.72
CA GLN B 136 20.12 4.32 -9.17
C GLN B 136 20.03 4.05 -7.66
N LEU B 137 20.63 2.94 -7.23
CA LEU B 137 20.67 2.55 -5.83
C LEU B 137 21.47 3.55 -5.00
N LEU B 138 22.55 4.03 -5.60
CA LEU B 138 23.42 4.98 -4.96
C LEU B 138 22.68 6.30 -4.84
N GLN B 139 22.03 6.69 -5.92
CA GLN B 139 21.28 7.94 -5.91
C GLN B 139 20.20 7.79 -4.83
N TYR B 140 19.61 6.60 -4.78
CA TYR B 140 18.58 6.30 -3.82
C TYR B 140 19.09 6.41 -2.38
N GLU B 141 20.28 5.89 -2.14
CA GLU B 141 20.86 5.93 -0.81
C GLU B 141 20.93 7.35 -0.30
N SER B 142 21.49 8.23 -1.14
CA SER B 142 21.64 9.64 -0.79
C SER B 142 20.32 10.33 -0.47
N GLU B 143 19.23 9.87 -1.11
CA GLU B 143 17.93 10.48 -0.88
C GLU B 143 17.20 10.06 0.39
N ILE B 144 17.40 8.81 0.81
CA ILE B 144 16.71 8.34 2.01
C ILE B 144 17.60 8.21 3.23
N LEU B 145 18.82 8.72 3.14
CA LEU B 145 19.73 8.64 4.27
C LEU B 145 20.57 9.90 4.46
N PRO B 146 21.05 10.13 5.70
CA PRO B 146 21.89 11.29 6.04
C PRO B 146 23.21 11.21 5.29
N SER B 147 24.14 12.09 5.62
CA SER B 147 25.45 12.08 4.94
C SER B 147 26.50 11.28 5.73
N GLY C 1 -25.22 -0.53 -20.98
CA GLY C 1 -24.93 -1.12 -22.31
C GLY C 1 -23.54 -1.71 -22.41
N SER C 2 -23.11 -2.01 -23.64
CA SER C 2 -21.79 -2.57 -23.89
C SER C 2 -20.72 -1.47 -23.94
N HIS C 3 -21.15 -0.21 -23.85
CA HIS C 3 -20.23 0.92 -23.86
C HIS C 3 -19.94 1.24 -22.39
N MET C 4 -20.61 0.53 -21.48
CA MET C 4 -20.45 0.71 -20.05
C MET C 4 -19.35 -0.17 -19.46
N GLY C 5 -19.04 0.06 -18.19
CA GLY C 5 -18.01 -0.70 -17.52
C GLY C 5 -18.44 -1.20 -16.16
N PRO C 6 -17.49 -1.50 -15.26
CA PRO C 6 -17.78 -1.98 -13.90
C PRO C 6 -18.70 -1.04 -13.14
N VAL C 7 -19.57 -1.61 -12.32
CA VAL C 7 -20.50 -0.83 -11.51
C VAL C 7 -19.95 -0.69 -10.09
N GLU C 8 -20.23 0.44 -9.44
CA GLU C 8 -19.76 0.62 -8.08
C GLU C 8 -20.73 -0.08 -7.11
N ILE C 9 -20.18 -0.83 -6.17
CA ILE C 9 -21.00 -1.49 -5.16
C ILE C 9 -20.77 -0.67 -3.91
N LEU C 10 -19.50 -0.40 -3.63
CA LEU C 10 -19.10 0.40 -2.49
C LEU C 10 -17.95 1.29 -3.01
N PRO C 11 -17.62 2.39 -2.30
CA PRO C 11 -16.54 3.24 -2.81
C PRO C 11 -15.28 2.47 -3.16
N PHE C 12 -14.95 1.43 -2.38
CA PHE C 12 -13.74 0.64 -2.63
C PHE C 12 -14.03 -0.68 -3.34
N LEU C 13 -15.31 -0.93 -3.64
CA LEU C 13 -15.70 -2.19 -4.28
C LEU C 13 -16.54 -2.12 -5.54
N TYR C 14 -15.94 -2.51 -6.66
CA TYR C 14 -16.61 -2.56 -7.95
C TYR C 14 -16.88 -4.01 -8.42
N LEU C 15 -17.92 -4.18 -9.22
CA LEU C 15 -18.28 -5.51 -9.74
C LEU C 15 -18.30 -5.44 -11.24
N GLY C 16 -17.98 -6.55 -11.91
CA GLY C 16 -17.97 -6.54 -13.36
C GLY C 16 -17.58 -7.83 -14.06
N SER C 17 -17.61 -7.78 -15.39
CA SER C 17 -17.28 -8.93 -16.23
C SER C 17 -15.81 -8.95 -16.60
N ALA C 18 -15.42 -10.00 -17.32
CA ALA C 18 -14.03 -10.15 -17.76
C ALA C 18 -13.68 -9.04 -18.73
N TYR C 19 -14.66 -8.66 -19.54
CA TYR C 19 -14.46 -7.59 -20.51
C TYR C 19 -14.10 -6.30 -19.78
N HIS C 20 -14.84 -6.00 -18.71
CA HIS C 20 -14.57 -4.78 -17.95
C HIS C 20 -13.13 -4.78 -17.41
N ALA C 21 -12.65 -5.95 -16.99
CA ALA C 21 -11.30 -6.08 -16.45
C ALA C 21 -10.23 -5.89 -17.50
N SER C 22 -10.63 -5.86 -18.77
CA SER C 22 -9.67 -5.70 -19.86
C SER C 22 -9.61 -4.27 -20.41
N LYS C 23 -10.48 -3.39 -19.93
CA LYS C 23 -10.48 -2.00 -20.37
C LYS C 23 -9.62 -1.20 -19.40
N CYS C 24 -8.32 -1.16 -19.67
CA CYS C 24 -7.42 -0.47 -18.77
C CYS C 24 -7.69 1.00 -18.57
N GLU C 25 -7.93 1.74 -19.65
CA GLU C 25 -8.21 3.14 -19.52
C GLU C 25 -9.40 3.36 -18.61
N PHE C 26 -10.38 2.47 -18.71
CA PHE C 26 -11.57 2.59 -17.88
C PHE C 26 -11.21 2.36 -16.41
N LEU C 27 -10.47 1.30 -16.12
CA LEU C 27 -10.08 1.03 -14.74
C LEU C 27 -9.24 2.16 -14.16
N ALA C 28 -8.41 2.78 -15.00
CA ALA C 28 -7.56 3.87 -14.55
C ALA C 28 -8.40 5.08 -14.16
N ASN C 29 -9.40 5.39 -14.98
CA ASN C 29 -10.27 6.52 -14.71
C ASN C 29 -11.00 6.39 -13.38
N LEU C 30 -11.30 5.15 -12.99
CA LEU C 30 -12.00 4.91 -11.74
C LEU C 30 -11.04 4.82 -10.54
N HIS C 31 -9.76 4.72 -10.82
CA HIS C 31 -8.74 4.59 -9.78
C HIS C 31 -8.74 3.18 -9.18
N ILE C 32 -9.01 2.19 -10.02
CA ILE C 32 -8.99 0.81 -9.57
C ILE C 32 -7.54 0.40 -9.28
N THR C 33 -7.29 -0.13 -8.10
CA THR C 33 -5.94 -0.54 -7.76
C THR C 33 -5.73 -2.05 -7.67
N ALA C 34 -6.82 -2.82 -7.57
CA ALA C 34 -6.71 -4.27 -7.46
C ALA C 34 -7.78 -5.05 -8.21
N LEU C 35 -7.38 -6.22 -8.68
CA LEU C 35 -8.27 -7.10 -9.39
C LEU C 35 -8.37 -8.43 -8.67
N LEU C 36 -9.60 -8.85 -8.38
CA LEU C 36 -9.85 -10.13 -7.73
C LEU C 36 -10.60 -10.92 -8.79
N ASN C 37 -9.88 -11.79 -9.48
CA ASN C 37 -10.46 -12.61 -10.54
C ASN C 37 -10.99 -13.95 -10.03
N VAL C 38 -12.28 -14.20 -10.28
CA VAL C 38 -12.91 -15.43 -9.83
C VAL C 38 -13.22 -16.45 -10.92
N SER C 39 -12.83 -16.17 -12.16
CA SER C 39 -13.06 -17.14 -13.24
C SER C 39 -11.98 -18.20 -13.19
N ARG C 40 -11.80 -18.92 -14.29
CA ARG C 40 -10.78 -19.95 -14.35
C ARG C 40 -9.72 -19.59 -15.39
N ARG C 41 -9.94 -18.49 -16.10
CA ARG C 41 -8.99 -18.04 -17.10
C ARG C 41 -8.37 -16.69 -16.71
N THR C 42 -7.05 -16.60 -16.83
CA THR C 42 -6.32 -15.38 -16.52
C THR C 42 -6.10 -14.55 -17.76
N SER C 43 -6.09 -13.23 -17.59
CA SER C 43 -5.87 -12.34 -18.71
C SER C 43 -4.90 -11.28 -18.23
N GLU C 44 -3.68 -11.34 -18.76
CA GLU C 44 -2.63 -10.41 -18.42
C GLU C 44 -3.11 -8.96 -18.57
N ALA C 45 -4.22 -8.81 -19.31
CA ALA C 45 -4.81 -7.50 -19.57
C ALA C 45 -4.94 -6.63 -18.32
N CYS C 46 -4.33 -5.45 -18.36
CA CYS C 46 -4.36 -4.51 -17.25
C CYS C 46 -3.93 -5.13 -15.93
N MET C 47 -2.85 -5.89 -15.91
CA MET C 47 -2.42 -6.49 -14.64
C MET C 47 -1.26 -5.75 -13.97
N THR C 48 -0.56 -4.92 -14.73
CA THR C 48 0.59 -4.20 -14.18
C THR C 48 0.28 -3.20 -13.06
N HIS C 49 1.14 -3.19 -12.05
CA HIS C 49 1.03 -2.28 -10.92
C HIS C 49 -0.27 -2.43 -10.16
N LEU C 50 -0.85 -3.62 -10.18
CA LEU C 50 -2.11 -3.83 -9.49
C LEU C 50 -2.13 -5.06 -8.60
N HIS C 51 -2.68 -4.88 -7.39
CA HIS C 51 -2.83 -5.99 -6.46
C HIS C 51 -3.80 -6.97 -7.16
N TYR C 52 -3.33 -8.17 -7.45
CA TYR C 52 -4.10 -9.20 -8.12
C TYR C 52 -4.20 -10.45 -7.27
N LYS C 53 -5.37 -11.08 -7.27
CA LYS C 53 -5.59 -12.34 -6.55
C LYS C 53 -6.49 -13.18 -7.44
N TRP C 54 -6.07 -14.40 -7.71
CA TRP C 54 -6.84 -15.29 -8.58
C TRP C 54 -7.39 -16.45 -7.76
N ILE C 55 -8.71 -16.56 -7.74
CA ILE C 55 -9.36 -17.65 -7.01
C ILE C 55 -10.27 -18.35 -8.00
N PRO C 56 -9.69 -19.19 -8.87
CA PRO C 56 -10.44 -19.93 -9.88
C PRO C 56 -11.61 -20.73 -9.31
N VAL C 57 -12.79 -20.52 -9.88
CA VAL C 57 -14.00 -21.21 -9.45
C VAL C 57 -14.91 -21.32 -10.67
N GLU C 58 -15.20 -22.53 -11.10
CA GLU C 58 -16.08 -22.66 -12.27
C GLU C 58 -17.50 -22.33 -11.84
N ASP C 59 -18.29 -21.86 -12.80
CA ASP C 59 -19.66 -21.50 -12.51
C ASP C 59 -20.63 -22.68 -12.58
N SER C 60 -20.63 -23.50 -11.53
CA SER C 60 -21.53 -24.64 -11.45
C SER C 60 -22.02 -24.87 -10.04
N HIS C 61 -23.17 -25.51 -9.94
CA HIS C 61 -23.75 -25.80 -8.64
C HIS C 61 -22.86 -26.84 -7.95
N THR C 62 -22.07 -27.57 -8.75
CA THR C 62 -21.16 -28.55 -8.18
C THR C 62 -19.97 -27.85 -7.53
N ALA C 63 -19.66 -26.66 -8.04
CA ALA C 63 -18.53 -25.88 -7.55
C ALA C 63 -18.77 -25.31 -6.16
N ASP C 64 -17.75 -25.44 -5.30
CA ASP C 64 -17.78 -24.93 -3.94
C ASP C 64 -17.18 -23.53 -3.95
N ILE C 65 -18.01 -22.53 -3.74
CA ILE C 65 -17.50 -21.17 -3.78
C ILE C 65 -17.52 -20.53 -2.39
N SER C 66 -18.39 -21.04 -1.52
CA SER C 66 -18.52 -20.51 -0.16
C SER C 66 -17.29 -20.72 0.72
N SER C 67 -16.50 -21.74 0.45
CA SER C 67 -15.33 -21.99 1.28
C SER C 67 -14.20 -21.00 0.97
N HIS C 68 -14.38 -20.22 -0.08
CA HIS C 68 -13.38 -19.24 -0.46
C HIS C 68 -13.85 -17.85 -0.11
N PHE C 69 -15.00 -17.77 0.52
CA PHE C 69 -15.56 -16.48 0.90
C PHE C 69 -14.56 -15.73 1.75
N GLN C 70 -14.03 -16.38 2.77
CA GLN C 70 -13.08 -15.71 3.66
C GLN C 70 -11.86 -15.12 2.95
N GLU C 71 -11.17 -15.91 2.13
CA GLU C 71 -10.01 -15.39 1.42
C GLU C 71 -10.40 -14.13 0.65
N ALA C 72 -11.43 -14.27 -0.19
CA ALA C 72 -11.93 -13.15 -0.98
C ALA C 72 -12.30 -11.92 -0.12
N ILE C 73 -13.02 -12.13 0.95
CA ILE C 73 -13.38 -11.01 1.81
C ILE C 73 -12.13 -10.37 2.42
N ASP C 74 -11.13 -11.18 2.79
CA ASP C 74 -9.93 -10.60 3.39
C ASP C 74 -9.23 -9.73 2.36
N PHE C 75 -9.16 -10.25 1.14
CA PHE C 75 -8.51 -9.52 0.07
C PHE C 75 -9.20 -8.16 -0.09
N ILE C 76 -10.53 -8.18 -0.20
CA ILE C 76 -11.26 -6.94 -0.40
C ILE C 76 -11.05 -6.00 0.76
N ASP C 77 -11.01 -6.54 1.98
CA ASP C 77 -10.80 -5.69 3.13
C ASP C 77 -9.38 -5.15 3.14
N CYS C 78 -8.44 -5.90 2.56
CA CYS C 78 -7.06 -5.45 2.51
C CYS C 78 -7.07 -4.17 1.67
N VAL C 79 -7.60 -4.26 0.46
CA VAL C 79 -7.67 -3.11 -0.43
C VAL C 79 -8.37 -1.94 0.28
N ARG C 80 -9.45 -2.24 0.99
CA ARG C 80 -10.20 -1.22 1.72
C ARG C 80 -9.27 -0.44 2.65
N GLU C 81 -8.51 -1.17 3.48
CA GLU C 81 -7.57 -0.58 4.42
C GLU C 81 -6.54 0.29 3.72
N LYS C 82 -5.92 -0.24 2.68
CA LYS C 82 -4.91 0.50 1.93
C LYS C 82 -5.58 1.60 1.13
N GLY C 83 -6.87 1.82 1.41
CA GLY C 83 -7.64 2.85 0.71
C GLY C 83 -7.70 2.83 -0.81
N GLY C 84 -7.65 1.64 -1.40
CA GLY C 84 -7.71 1.52 -2.84
C GLY C 84 -9.07 1.03 -3.30
N LYS C 85 -9.16 0.50 -4.51
CA LYS C 85 -10.43 0.01 -5.04
C LYS C 85 -10.28 -1.31 -5.80
N VAL C 86 -11.06 -2.32 -5.43
CA VAL C 86 -10.97 -3.61 -6.12
C VAL C 86 -12.14 -3.86 -7.07
N LEU C 87 -11.82 -4.46 -8.20
CA LEU C 87 -12.83 -4.82 -9.15
C LEU C 87 -12.96 -6.33 -9.11
N VAL C 88 -13.93 -6.85 -8.37
CA VAL C 88 -14.14 -8.28 -8.32
C VAL C 88 -14.84 -8.65 -9.63
N HIS C 89 -14.27 -9.59 -10.38
CA HIS C 89 -14.90 -9.99 -11.65
C HIS C 89 -14.86 -11.49 -12.00
N SER C 90 -15.73 -11.86 -12.93
CA SER C 90 -15.81 -13.23 -13.45
C SER C 90 -16.27 -13.11 -14.89
N GLU C 91 -16.18 -14.19 -15.65
CA GLU C 91 -16.55 -14.18 -17.08
C GLU C 91 -17.68 -13.27 -17.54
N ALA C 92 -18.90 -13.52 -17.07
CA ALA C 92 -20.05 -12.72 -17.46
C ALA C 92 -20.43 -11.68 -16.42
N GLY C 93 -19.99 -11.89 -15.18
CA GLY C 93 -20.34 -10.95 -14.13
C GLY C 93 -21.80 -11.13 -13.75
N ILE C 94 -22.25 -12.39 -13.76
CA ILE C 94 -23.63 -12.70 -13.45
C ILE C 94 -23.75 -13.63 -12.26
N SER C 95 -22.91 -14.65 -12.22
CA SER C 95 -22.95 -15.62 -11.15
C SER C 95 -21.86 -15.52 -10.10
N ARG C 96 -20.60 -15.71 -10.50
CA ARG C 96 -19.51 -15.70 -9.54
C ARG C 96 -19.15 -14.38 -8.88
N SER C 97 -18.66 -13.42 -9.65
CA SER C 97 -18.29 -12.14 -9.04
C SER C 97 -19.45 -11.56 -8.22
N PRO C 98 -20.68 -11.65 -8.73
CA PRO C 98 -21.69 -11.07 -7.84
C PRO C 98 -21.96 -11.90 -6.58
N THR C 99 -21.74 -13.21 -6.65
CA THR C 99 -21.95 -14.06 -5.46
C THR C 99 -20.98 -13.61 -4.37
N ILE C 100 -19.71 -13.40 -4.76
CA ILE C 100 -18.69 -12.92 -3.82
C ILE C 100 -19.08 -11.58 -3.18
N CYS C 101 -19.53 -10.62 -3.99
CA CYS C 101 -19.90 -9.33 -3.44
C CYS C 101 -21.03 -9.45 -2.43
N MET C 102 -21.96 -10.37 -2.69
CA MET C 102 -23.07 -10.58 -1.76
C MET C 102 -22.48 -11.10 -0.46
N ALA C 103 -21.58 -12.09 -0.58
CA ALA C 103 -20.95 -12.64 0.60
C ALA C 103 -20.30 -11.49 1.37
N TYR C 104 -19.64 -10.56 0.66
CA TYR C 104 -18.98 -9.45 1.31
C TYR C 104 -19.97 -8.55 2.04
N LEU C 105 -21.05 -8.15 1.39
CA LEU C 105 -22.03 -7.30 2.05
C LEU C 105 -22.56 -7.94 3.33
N MET C 106 -22.73 -9.26 3.30
CA MET C 106 -23.24 -9.98 4.46
C MET C 106 -22.28 -10.02 5.64
N LYS C 107 -21.03 -10.37 5.35
CA LYS C 107 -19.99 -10.47 6.37
C LYS C 107 -19.50 -9.17 6.99
N THR C 108 -19.36 -8.11 6.20
CA THR C 108 -18.84 -6.87 6.74
C THR C 108 -19.86 -5.77 6.98
N LYS C 109 -21.03 -5.91 6.36
CA LYS C 109 -22.08 -4.91 6.51
C LYS C 109 -23.35 -5.47 7.16
N GLN C 110 -23.29 -6.71 7.62
CA GLN C 110 -24.43 -7.33 8.29
C GLN C 110 -25.71 -7.48 7.48
N PHE C 111 -25.63 -7.23 6.17
CA PHE C 111 -26.79 -7.40 5.29
C PHE C 111 -27.26 -8.85 5.27
N ARG C 112 -28.55 -9.04 5.02
CA ARG C 112 -29.10 -10.38 4.92
C ARG C 112 -29.01 -10.74 3.45
N LEU C 113 -28.98 -12.03 3.15
CA LEU C 113 -28.91 -12.47 1.76
C LEU C 113 -29.89 -11.67 0.89
N LYS C 114 -31.11 -11.49 1.37
CA LYS C 114 -32.12 -10.75 0.62
C LYS C 114 -31.69 -9.30 0.38
N GLU C 115 -31.16 -8.66 1.42
CA GLU C 115 -30.71 -7.28 1.31
C GLU C 115 -29.44 -7.19 0.44
N ALA C 116 -28.55 -8.16 0.61
CA ALA C 116 -27.33 -8.16 -0.17
C ALA C 116 -27.67 -8.32 -1.66
N PHE C 117 -28.62 -9.21 -1.93
CA PHE C 117 -29.03 -9.49 -3.29
C PHE C 117 -29.69 -8.31 -4.03
N ASP C 118 -30.62 -7.61 -3.38
CA ASP C 118 -31.28 -6.49 -4.04
C ASP C 118 -30.32 -5.35 -4.25
N TYR C 119 -29.53 -5.07 -3.23
CA TYR C 119 -28.53 -4.01 -3.29
C TYR C 119 -27.63 -4.18 -4.55
N ILE C 120 -27.16 -5.40 -4.79
CA ILE C 120 -26.32 -5.62 -5.95
C ILE C 120 -27.19 -5.67 -7.19
N LYS C 121 -28.40 -6.21 -7.03
CA LYS C 121 -29.33 -6.33 -8.14
C LYS C 121 -29.66 -4.93 -8.67
N GLN C 122 -29.80 -3.96 -7.77
CA GLN C 122 -30.10 -2.60 -8.20
C GLN C 122 -29.01 -1.97 -9.06
N ARG C 123 -27.77 -2.39 -8.90
CA ARG C 123 -26.70 -1.80 -9.70
C ARG C 123 -26.33 -2.60 -10.94
N ARG C 124 -26.65 -3.89 -10.93
CA ARG C 124 -26.36 -4.75 -12.07
C ARG C 124 -27.52 -5.75 -12.12
N SER C 125 -28.60 -5.33 -12.78
CA SER C 125 -29.83 -6.10 -12.92
C SER C 125 -29.68 -7.56 -13.35
N MET C 126 -28.76 -7.86 -14.27
CA MET C 126 -28.56 -9.22 -14.75
C MET C 126 -27.95 -10.19 -13.74
N VAL C 127 -27.53 -9.67 -12.61
CA VAL C 127 -26.94 -10.49 -11.55
C VAL C 127 -27.86 -11.68 -11.19
N SER C 128 -27.28 -12.88 -11.09
CA SER C 128 -28.02 -14.11 -10.76
C SER C 128 -27.09 -15.32 -10.53
N PRO C 129 -26.82 -15.65 -9.25
CA PRO C 129 -25.95 -16.77 -8.89
C PRO C 129 -26.61 -18.10 -9.23
N ASN C 130 -25.84 -19.06 -9.74
CA ASN C 130 -26.43 -20.36 -10.08
C ASN C 130 -27.11 -20.92 -8.80
N PHE C 131 -28.13 -21.77 -8.94
CA PHE C 131 -28.86 -22.29 -7.76
C PHE C 131 -27.98 -22.91 -6.67
N GLY C 132 -26.83 -23.45 -7.06
CA GLY C 132 -25.94 -24.04 -6.07
C GLY C 132 -25.32 -22.95 -5.21
N PHE C 133 -24.83 -21.90 -5.86
CA PHE C 133 -24.22 -20.79 -5.14
C PHE C 133 -25.22 -20.09 -4.23
N MET C 134 -26.43 -19.86 -4.74
CA MET C 134 -27.46 -19.20 -3.93
C MET C 134 -27.70 -20.05 -2.71
N GLY C 135 -27.62 -21.36 -2.92
CA GLY C 135 -27.81 -22.31 -1.84
C GLY C 135 -26.72 -22.10 -0.81
N GLN C 136 -25.47 -22.08 -1.26
CA GLN C 136 -24.36 -21.87 -0.33
C GLN C 136 -24.48 -20.52 0.38
N LEU C 137 -25.06 -19.53 -0.28
CA LEU C 137 -25.22 -18.22 0.34
C LEU C 137 -26.17 -18.35 1.50
N LEU C 138 -27.19 -19.16 1.31
CA LEU C 138 -28.18 -19.37 2.36
C LEU C 138 -27.54 -19.99 3.59
N GLN C 139 -26.73 -21.03 3.37
CA GLN C 139 -26.06 -21.65 4.49
C GLN C 139 -25.09 -20.66 5.11
N TYR C 140 -24.46 -19.86 4.27
CA TYR C 140 -23.52 -18.85 4.74
C TYR C 140 -24.25 -17.81 5.61
N GLU C 141 -25.47 -17.45 5.20
CA GLU C 141 -26.26 -16.46 5.93
C GLU C 141 -26.49 -16.93 7.35
N SER C 142 -27.05 -18.13 7.46
CA SER C 142 -27.36 -18.73 8.75
C SER C 142 -26.14 -18.75 9.67
N GLU C 143 -24.97 -19.05 9.09
CA GLU C 143 -23.73 -19.12 9.86
C GLU C 143 -23.20 -17.80 10.42
N ILE C 144 -23.41 -16.70 9.71
CA ILE C 144 -22.88 -15.42 10.20
C ILE C 144 -23.92 -14.46 10.77
N LEU C 145 -25.19 -14.83 10.69
CA LEU C 145 -26.25 -13.97 11.20
C LEU C 145 -27.04 -14.66 12.32
N PRO C 146 -27.70 -13.87 13.20
CA PRO C 146 -28.50 -14.38 14.33
C PRO C 146 -29.72 -15.23 13.92
S SO4 D . 10.64 25.46 11.31
O1 SO4 D . 11.81 24.96 12.04
O2 SO4 D . 9.52 25.62 12.22
O3 SO4 D . 10.91 26.74 10.70
O4 SO4 D . 10.31 24.53 10.25
S SO4 E . 7.79 31.37 8.18
O1 SO4 E . 8.86 30.50 8.68
O2 SO4 E . 6.60 31.24 9.00
O3 SO4 E . 8.23 32.76 8.20
O4 SO4 E . 7.44 30.99 6.78
S SO4 F . 17.25 -10.85 -13.49
O1 SO4 F . 18.69 -11.00 -13.24
O2 SO4 F . 16.87 -9.46 -13.39
O3 SO4 F . 16.91 -11.33 -14.81
O4 SO4 F . 16.49 -11.65 -12.53
S SO4 G . 12.66 -10.40 -18.98
O1 SO4 G . 13.89 -10.76 -18.26
O2 SO4 G . 11.59 -11.37 -18.65
O3 SO4 G . 12.24 -9.06 -18.60
O4 SO4 G . 12.90 -10.39 -20.42
S SO4 H . -19.99 -15.51 -14.47
O1 SO4 H . -19.98 -16.36 -13.27
O2 SO4 H . -21.34 -15.08 -14.75
O3 SO4 H . -19.18 -14.34 -14.29
O4 SO4 H . -19.45 -16.24 -15.61
S SO4 I . -14.65 -19.71 -17.02
O1 SO4 I . -14.87 -20.37 -15.74
O2 SO4 I . -14.51 -20.71 -18.06
O3 SO4 I . -15.79 -18.85 -17.35
O4 SO4 I . -13.43 -18.88 -16.97
#